data_7X81
#
_entry.id   7X81
#
_cell.length_a   84.590
_cell.length_b   175.920
_cell.length_c   50.694
_cell.angle_alpha   90.000
_cell.angle_beta   90.000
_cell.angle_gamma   90.000
#
_symmetry.space_group_name_H-M   'C 2 2 21'
#
loop_
_entity.id
_entity.type
_entity.pdbx_description
1 polymer PloI4
2 non-polymer (4S,4aS,6aR,8R,9R,11E,12aR,14aS,17E,18aR,18bR)-9-ethyl-4,8,19-trihydroxy-11,12a,13,18a-tetramethyl-2,3,4,4a,6a,7,8,9,10,12a,13,14,18a,18b-tetradecahydro-14a,17-(metheno)cyclobuta[b]naphtho[2,1-j][1]azacyclotetradecine-16,18(1H,15H)-dione
3 water water
#
_entity_poly.entity_id   1
_entity_poly.type   'polypeptide(L)'
_entity_poly.pdbx_seq_one_letter_code
;MSTVTTINLEDIKEIMHTTIRLGGKPESGEAAELPIFLGSSVEFEAELYDADGTQIGTAKGTSVIFAEADGTVMQIVSAF
DDYTDGGRVTWSGAYTMFPTDEPKSVPAQGVSGRYRGLSGTRTFQLLERPDPGTSLVRSSLVLNG
;
_entity_poly.pdbx_strand_id   A,B
#
# COMPACT_ATOMS: atom_id res chain seq x y z
N MET A 1 -17.44 -11.96 2.38
CA MET A 1 -17.26 -13.37 2.81
CA MET A 1 -17.37 -13.36 2.87
C MET A 1 -17.84 -14.38 1.83
N SER A 2 -18.59 -13.93 0.83
CA SER A 2 -19.12 -14.85 -0.18
C SER A 2 -18.00 -15.31 -1.12
N THR A 3 -18.01 -16.61 -1.43
CA THR A 3 -16.97 -17.25 -2.26
C THR A 3 -17.59 -18.10 -3.35
N VAL A 4 -18.52 -17.48 -4.11
CA VAL A 4 -19.26 -18.13 -5.18
C VAL A 4 -18.33 -18.51 -6.33
N THR A 5 -17.51 -17.55 -6.80
CA THR A 5 -16.50 -17.76 -7.83
C THR A 5 -15.11 -17.80 -7.22
N THR A 6 -14.27 -18.73 -7.65
CA THR A 6 -12.90 -18.81 -7.17
C THR A 6 -11.94 -18.66 -8.33
N ILE A 7 -10.89 -17.87 -8.10
CA ILE A 7 -9.69 -17.84 -8.95
C ILE A 7 -8.51 -18.19 -8.05
N ASN A 8 -7.77 -19.22 -8.42
CA ASN A 8 -6.63 -19.77 -7.67
C ASN A 8 -5.48 -19.90 -8.65
N LEU A 9 -4.53 -18.98 -8.59
CA LEU A 9 -3.34 -19.03 -9.45
C LEU A 9 -2.18 -19.44 -8.55
N GLU A 10 -1.64 -20.63 -8.76
CA GLU A 10 -0.58 -21.20 -7.95
C GLU A 10 0.66 -21.34 -8.82
N ASP A 11 1.82 -21.41 -8.16
CA ASP A 11 3.09 -21.69 -8.82
C ASP A 11 3.41 -20.67 -9.90
N ILE A 12 3.08 -19.42 -9.61
CA ILE A 12 3.54 -18.32 -10.44
C ILE A 12 5.04 -18.15 -10.24
N LYS A 13 5.76 -18.07 -11.37
CA LYS A 13 7.18 -17.73 -11.41
C LYS A 13 7.32 -16.26 -11.73
N GLU A 14 7.86 -15.50 -10.80
CA GLU A 14 7.85 -14.04 -10.89
C GLU A 14 9.30 -13.62 -11.01
N ILE A 15 9.70 -13.13 -12.20
CA ILE A 15 11.04 -12.62 -12.45
C ILE A 15 10.98 -11.13 -12.27
N MET A 16 11.57 -10.65 -11.18
CA MET A 16 11.38 -9.29 -10.72
C MET A 16 12.67 -8.47 -10.84
N HIS A 17 12.55 -7.27 -11.43
CA HIS A 17 13.64 -6.30 -11.56
C HIS A 17 13.48 -5.27 -10.46
N THR A 18 14.43 -5.25 -9.55
CA THR A 18 14.35 -4.44 -8.33
C THR A 18 15.31 -3.27 -8.40
N THR A 19 14.77 -2.07 -8.25
CA THR A 19 15.55 -0.85 -8.11
C THR A 19 15.52 -0.44 -6.64
N ILE A 20 16.67 -0.50 -6.00
CA ILE A 20 16.75 -0.38 -4.56
C ILE A 20 17.45 0.92 -4.20
N ARG A 21 16.85 1.67 -3.25
CA ARG A 21 17.42 2.87 -2.68
CA ARG A 21 17.40 2.88 -2.67
C ARG A 21 17.63 2.67 -1.18
N LEU A 22 18.75 3.17 -0.67
CA LEU A 22 19.12 2.98 0.73
C LEU A 22 18.27 3.84 1.66
N GLY A 23 17.97 5.06 1.27
CA GLY A 23 17.27 5.95 2.15
C GLY A 23 18.22 6.53 3.18
N GLY A 24 17.64 6.97 4.31
CA GLY A 24 18.44 7.63 5.30
C GLY A 24 17.92 9.02 5.62
N LYS A 25 18.76 9.83 6.25
CA LYS A 25 18.37 11.16 6.70
C LYS A 25 18.34 12.10 5.51
N PRO A 26 17.26 12.86 5.31
CA PRO A 26 17.19 13.71 4.12
C PRO A 26 18.31 14.74 4.11
N GLU A 27 18.80 15.05 2.91
CA GLU A 27 20.02 15.84 2.76
C GLU A 27 19.76 17.33 2.54
N SER A 28 18.57 17.71 2.11
CA SER A 28 18.34 19.08 1.70
C SER A 28 16.84 19.32 1.62
N GLY A 29 16.46 20.49 1.13
CA GLY A 29 15.07 20.77 0.90
C GLY A 29 14.28 20.90 2.19
N GLU A 30 12.96 20.85 2.03
CA GLU A 30 12.08 20.93 3.19
C GLU A 30 12.31 19.75 4.13
N ALA A 31 12.53 18.58 3.55
CA ALA A 31 12.62 17.37 4.36
C ALA A 31 13.77 17.42 5.34
N ALA A 32 14.88 18.10 5.01
CA ALA A 32 15.99 18.16 5.94
C ALA A 32 15.65 18.95 7.19
N GLU A 33 14.66 19.84 7.12
CA GLU A 33 14.25 20.57 8.30
C GLU A 33 13.46 19.69 9.27
N LEU A 34 13.05 18.49 8.86
CA LEU A 34 12.27 17.64 9.76
C LEU A 34 13.11 16.49 10.27
N PRO A 35 12.79 15.97 11.42
CA PRO A 35 13.52 14.84 11.96
C PRO A 35 13.02 13.49 11.46
N ILE A 36 12.88 13.39 10.14
CA ILE A 36 12.33 12.19 9.52
C ILE A 36 13.45 11.32 8.93
N PHE A 37 13.12 10.12 8.53
CA PHE A 37 14.02 9.25 7.78
C PHE A 37 13.30 8.76 6.53
N LEU A 38 14.04 8.69 5.43
CA LEU A 38 13.59 8.05 4.21
C LEU A 38 13.84 6.57 4.35
N GLY A 39 12.80 5.75 4.26
CA GLY A 39 12.99 4.31 4.36
C GLY A 39 13.68 3.77 3.13
N SER A 40 14.44 2.68 3.30
CA SER A 40 14.92 1.95 2.15
C SER A 40 13.72 1.52 1.31
N SER A 41 13.84 1.60 0.00
CA SER A 41 12.71 1.33 -0.88
C SER A 41 13.11 0.44 -2.06
N VAL A 42 12.15 -0.33 -2.54
CA VAL A 42 12.30 -1.23 -3.67
C VAL A 42 11.21 -0.88 -4.70
N GLU A 43 11.60 -0.30 -5.81
CA GLU A 43 10.73 -0.07 -6.96
C GLU A 43 10.91 -1.25 -7.88
N PHE A 44 9.83 -1.95 -8.20
CA PHE A 44 9.99 -3.19 -8.93
C PHE A 44 9.04 -3.32 -10.09
N GLU A 45 9.48 -4.06 -11.11
CA GLU A 45 8.68 -4.45 -12.27
C GLU A 45 8.99 -5.91 -12.49
N ALA A 46 7.95 -6.73 -12.71
CA ALA A 46 8.18 -8.15 -12.89
C ALA A 46 7.32 -8.76 -14.00
N GLU A 47 7.86 -9.80 -14.63
CA GLU A 47 7.12 -10.64 -15.55
C GLU A 47 6.67 -11.84 -14.76
N LEU A 48 5.45 -12.28 -15.01
CA LEU A 48 4.81 -13.38 -14.32
C LEU A 48 4.62 -14.52 -15.29
N TYR A 49 5.10 -15.71 -14.93
CA TYR A 49 5.03 -16.90 -15.76
C TYR A 49 4.29 -18.04 -15.05
N ASP A 50 3.61 -18.86 -15.84
CA ASP A 50 3.13 -20.10 -15.24
C ASP A 50 4.29 -21.08 -15.22
N ALA A 51 4.01 -22.30 -14.76
CA ALA A 51 5.10 -23.26 -14.62
C ALA A 51 5.59 -23.77 -15.97
N ASP A 52 4.90 -23.48 -17.07
CA ASP A 52 5.38 -23.89 -18.39
C ASP A 52 6.33 -22.87 -19.02
N GLY A 53 6.54 -21.72 -18.40
CA GLY A 53 7.27 -20.64 -19.06
C GLY A 53 6.46 -19.78 -19.98
N THR A 54 5.13 -19.88 -19.92
CA THR A 54 4.25 -18.97 -20.63
C THR A 54 4.00 -17.75 -19.76
N GLN A 55 4.15 -16.57 -20.35
CA GLN A 55 3.86 -15.36 -19.60
C GLN A 55 2.34 -15.24 -19.36
N ILE A 56 1.97 -15.00 -18.10
CA ILE A 56 0.57 -14.74 -17.75
C ILE A 56 0.31 -13.31 -17.31
N GLY A 57 1.34 -12.51 -17.12
CA GLY A 57 1.10 -11.13 -16.77
C GLY A 57 2.39 -10.43 -16.42
N THR A 58 2.20 -9.26 -15.80
CA THR A 58 3.27 -8.44 -15.25
C THR A 58 2.80 -7.91 -13.90
N ALA A 59 3.75 -7.49 -13.09
CA ALA A 59 3.48 -6.80 -11.84
C ALA A 59 4.34 -5.55 -11.71
N LYS A 60 3.86 -4.60 -10.93
CA LYS A 60 4.58 -3.35 -10.68
C LYS A 60 4.16 -2.76 -9.34
N GLY A 61 5.13 -2.19 -8.63
CA GLY A 61 4.82 -1.75 -7.29
C GLY A 61 6.04 -1.15 -6.59
N THR A 62 5.81 -0.75 -5.36
CA THR A 62 6.83 -0.20 -4.51
C THR A 62 6.69 -0.79 -3.12
N SER A 63 7.83 -1.15 -2.50
CA SER A 63 7.94 -1.56 -1.11
C SER A 63 8.88 -0.58 -0.39
N VAL A 64 8.59 -0.31 0.89
CA VAL A 64 9.43 0.54 1.74
C VAL A 64 9.55 -0.11 3.10
N ILE A 65 10.70 -0.01 3.72
CA ILE A 65 10.98 -0.61 5.03
C ILE A 65 10.64 0.40 6.13
N PHE A 66 10.01 -0.10 7.18
CA PHE A 66 9.72 0.64 8.38
C PHE A 66 9.69 -0.33 9.55
N ALA A 67 9.29 0.17 10.72
CA ALA A 67 9.20 -0.70 11.89
C ALA A 67 7.92 -0.42 12.66
N GLU A 68 7.38 -1.49 13.24
CA GLU A 68 6.25 -1.40 14.14
C GLU A 68 6.69 -0.89 15.52
N ALA A 69 5.68 -0.63 16.37
CA ALA A 69 5.94 0.00 17.68
C ALA A 69 6.89 -0.82 18.53
N ASP A 70 6.72 -2.14 18.56
CA ASP A 70 7.66 -2.97 19.31
C ASP A 70 9.03 -3.08 18.63
N GLY A 71 9.25 -2.46 17.47
CA GLY A 71 10.54 -2.53 16.82
C GLY A 71 10.69 -3.60 15.77
N THR A 72 9.66 -4.43 15.58
CA THR A 72 9.65 -5.42 14.51
C THR A 72 9.75 -4.74 13.16
N VAL A 73 10.67 -5.19 12.33
CA VAL A 73 10.94 -4.53 11.07
C VAL A 73 9.94 -5.04 10.04
N MET A 74 9.38 -4.12 9.29
CA MET A 74 8.30 -4.42 8.36
C MET A 74 8.64 -3.87 7.00
N GLN A 75 7.87 -4.30 5.99
CA GLN A 75 7.83 -3.62 4.70
C GLN A 75 6.37 -3.33 4.38
N ILE A 76 6.13 -2.24 3.69
CA ILE A 76 4.80 -1.89 3.20
C ILE A 76 4.88 -1.87 1.68
N VAL A 77 3.89 -2.47 1.03
CA VAL A 77 3.87 -2.51 -0.43
C VAL A 77 2.55 -1.97 -0.95
N SER A 78 2.63 -1.33 -2.10
CA SER A 78 1.48 -1.03 -2.95
C SER A 78 1.84 -1.47 -4.35
N ALA A 79 1.00 -2.31 -4.97
CA ALA A 79 1.36 -2.87 -6.26
C ALA A 79 0.10 -3.32 -6.99
N PHE A 80 0.29 -3.74 -8.24
CA PHE A 80 -0.77 -4.37 -9.00
C PHE A 80 -0.18 -5.35 -10.01
N ASP A 81 -0.99 -6.36 -10.35
CA ASP A 81 -0.72 -7.29 -11.43
C ASP A 81 -1.60 -6.96 -12.64
N ASP A 82 -1.05 -7.02 -13.84
CA ASP A 82 -1.82 -6.99 -15.08
C ASP A 82 -1.69 -8.33 -15.76
N TYR A 83 -2.81 -9.01 -15.98
CA TYR A 83 -2.79 -10.36 -16.52
C TYR A 83 -3.06 -10.35 -18.04
N THR A 84 -2.58 -11.40 -18.71
CA THR A 84 -2.67 -11.45 -20.16
C THR A 84 -4.11 -11.57 -20.64
N ASP A 85 -5.04 -11.99 -19.80
CA ASP A 85 -6.44 -12.05 -20.23
C ASP A 85 -7.16 -10.70 -20.03
N GLY A 86 -6.43 -9.65 -19.67
CA GLY A 86 -6.98 -8.31 -19.76
C GLY A 86 -7.55 -7.70 -18.49
N GLY A 87 -7.17 -8.20 -17.33
CA GLY A 87 -7.65 -7.65 -16.09
C GLY A 87 -6.50 -7.36 -15.15
N ARG A 88 -6.80 -6.53 -14.16
CA ARG A 88 -5.87 -6.04 -13.17
C ARG A 88 -6.30 -6.47 -11.77
N VAL A 89 -5.30 -6.80 -10.96
CA VAL A 89 -5.46 -7.13 -9.55
C VAL A 89 -4.53 -6.22 -8.75
N THR A 90 -5.09 -5.40 -7.87
CA THR A 90 -4.23 -4.63 -6.99
C THR A 90 -3.90 -5.42 -5.73
N TRP A 91 -2.77 -5.08 -5.09
CA TRP A 91 -2.43 -5.72 -3.81
C TRP A 91 -1.54 -4.78 -3.00
N SER A 92 -1.84 -4.72 -1.70
CA SER A 92 -1.15 -3.77 -0.84
CA SER A 92 -1.17 -3.76 -0.84
C SER A 92 -1.31 -4.20 0.62
N GLY A 93 -0.28 -3.92 1.41
CA GLY A 93 -0.31 -4.27 2.80
C GLY A 93 1.06 -4.11 3.41
N ALA A 94 1.15 -4.51 4.69
CA ALA A 94 2.41 -4.58 5.42
C ALA A 94 2.70 -6.03 5.79
N TYR A 95 3.98 -6.40 5.71
CA TYR A 95 4.38 -7.75 6.08
C TYR A 95 5.67 -7.65 6.87
N THR A 96 5.89 -8.63 7.75
CA THR A 96 7.12 -8.75 8.52
C THR A 96 8.31 -9.04 7.63
N MET A 97 9.41 -8.34 7.90
CA MET A 97 10.54 -8.48 7.01
C MET A 97 11.30 -9.78 7.26
N PHE A 98 11.55 -10.13 8.49
CA PHE A 98 12.44 -11.26 8.78
C PHE A 98 11.63 -12.45 9.29
N PRO A 99 12.00 -13.67 8.92
CA PRO A 99 13.06 -14.05 7.95
C PRO A 99 12.72 -13.62 6.53
N THR A 100 13.73 -13.28 5.73
CA THR A 100 13.45 -12.79 4.40
C THR A 100 13.07 -13.86 3.41
N ASP A 101 13.21 -15.15 3.74
CA ASP A 101 12.99 -16.22 2.76
C ASP A 101 11.71 -17.01 3.01
N GLU A 102 10.90 -16.60 3.94
CA GLU A 102 9.61 -17.23 4.15
C GLU A 102 8.55 -16.55 3.27
N PRO A 103 7.43 -17.22 3.08
CA PRO A 103 6.33 -16.62 2.30
C PRO A 103 5.77 -15.40 3.00
N LYS A 104 5.43 -14.39 2.20
CA LYS A 104 4.79 -13.18 2.64
C LYS A 104 3.46 -13.07 1.91
N SER A 105 2.54 -12.30 2.48
CA SER A 105 1.31 -12.02 1.75
C SER A 105 0.69 -10.73 2.23
N VAL A 106 -0.13 -10.16 1.37
CA VAL A 106 -0.99 -9.00 1.65
C VAL A 106 -2.29 -9.17 0.92
N PRO A 107 -3.32 -8.40 1.29
CA PRO A 107 -4.62 -8.52 0.61
C PRO A 107 -4.54 -8.06 -0.82
N ALA A 108 -5.41 -8.65 -1.66
CA ALA A 108 -5.48 -8.36 -3.07
C ALA A 108 -6.92 -8.09 -3.47
N GLN A 109 -7.09 -7.20 -4.43
CA GLN A 109 -8.40 -6.89 -4.99
C GLN A 109 -8.42 -6.94 -6.52
N GLY A 110 -9.37 -7.70 -7.05
CA GLY A 110 -9.59 -7.69 -8.50
C GLY A 110 -10.36 -6.45 -8.90
N VAL A 111 -9.85 -5.71 -9.88
CA VAL A 111 -10.50 -4.46 -10.24
C VAL A 111 -11.06 -4.47 -11.66
N SER A 112 -10.64 -5.40 -12.53
CA SER A 112 -11.14 -5.41 -13.89
C SER A 112 -11.03 -6.81 -14.48
N GLY A 113 -11.55 -6.97 -15.70
CA GLY A 113 -11.53 -8.28 -16.35
C GLY A 113 -12.25 -9.31 -15.50
N ARG A 114 -11.77 -10.55 -15.57
CA ARG A 114 -12.44 -11.60 -14.83
C ARG A 114 -12.25 -11.47 -13.32
N TYR A 115 -11.32 -10.64 -12.87
CA TYR A 115 -11.00 -10.50 -11.45
C TYR A 115 -11.92 -9.55 -10.74
N ARG A 116 -12.71 -8.74 -11.48
CA ARG A 116 -13.43 -7.62 -10.90
C ARG A 116 -14.35 -8.05 -9.79
N GLY A 117 -14.30 -7.32 -8.67
CA GLY A 117 -15.20 -7.61 -7.57
C GLY A 117 -14.81 -8.81 -6.72
N LEU A 118 -13.68 -9.44 -7.00
CA LEU A 118 -13.23 -10.57 -6.21
C LEU A 118 -12.09 -10.08 -5.34
N SER A 119 -11.94 -10.68 -4.17
CA SER A 119 -10.91 -10.26 -3.22
C SER A 119 -10.27 -11.50 -2.62
N GLY A 120 -9.04 -11.34 -2.12
CA GLY A 120 -8.32 -12.39 -1.44
C GLY A 120 -6.89 -11.99 -1.10
N THR A 121 -5.93 -12.78 -1.56
CA THR A 121 -4.54 -12.76 -1.05
C THR A 121 -3.54 -12.91 -2.19
N ARG A 122 -2.53 -12.08 -2.20
CA ARG A 122 -1.39 -12.24 -3.09
C ARG A 122 -0.21 -12.66 -2.22
N THR A 123 0.42 -13.79 -2.56
CA THR A 123 1.59 -14.24 -1.84
C THR A 123 2.82 -14.13 -2.72
N PHE A 124 3.97 -14.02 -2.05
CA PHE A 124 5.25 -13.96 -2.74
C PHE A 124 6.30 -14.45 -1.77
N GLN A 125 7.29 -15.15 -2.31
CA GLN A 125 8.37 -15.72 -1.55
C GLN A 125 9.63 -15.65 -2.38
N LEU A 126 10.70 -15.16 -1.77
CA LEU A 126 11.97 -15.02 -2.48
C LEU A 126 12.65 -16.35 -2.57
N LEU A 127 13.00 -16.76 -3.79
CA LEU A 127 13.77 -17.97 -4.02
C LEU A 127 15.23 -17.67 -4.21
N GLU A 128 15.58 -16.65 -4.99
CA GLU A 128 16.99 -16.38 -5.16
C GLU A 128 17.17 -15.00 -5.73
N ARG A 129 18.41 -14.51 -5.61
CA ARG A 129 18.83 -13.18 -6.08
C ARG A 129 20.01 -13.42 -6.99
N PRO A 130 19.78 -13.70 -8.27
CA PRO A 130 20.91 -14.02 -9.15
C PRO A 130 21.83 -12.84 -9.38
N ASP A 131 21.36 -11.63 -9.13
CA ASP A 131 22.23 -10.47 -9.16
C ASP A 131 21.54 -9.37 -8.38
N PRO A 132 22.25 -8.30 -8.06
CA PRO A 132 21.67 -7.27 -7.18
C PRO A 132 20.46 -6.60 -7.77
N GLY A 133 20.21 -6.80 -9.04
CA GLY A 133 19.05 -6.26 -9.71
C GLY A 133 17.85 -7.15 -9.85
N THR A 134 17.92 -8.38 -9.39
CA THR A 134 16.97 -9.39 -9.83
C THR A 134 16.55 -10.29 -8.67
N SER A 135 15.25 -10.52 -8.55
CA SER A 135 14.71 -11.43 -7.57
C SER A 135 13.90 -12.47 -8.31
N LEU A 136 14.11 -13.74 -8.01
CA LEU A 136 13.27 -14.83 -8.52
C LEU A 136 12.31 -15.20 -7.40
N VAL A 137 11.03 -14.99 -7.62
CA VAL A 137 10.01 -15.04 -6.59
C VAL A 137 9.01 -16.14 -6.93
N ARG A 138 8.55 -16.87 -5.93
CA ARG A 138 7.48 -17.83 -6.13
C ARG A 138 6.21 -17.21 -5.57
N SER A 139 5.16 -17.16 -6.36
CA SER A 139 4.00 -16.38 -5.99
C SER A 139 2.71 -17.17 -6.17
N SER A 140 1.63 -16.61 -5.63
CA SER A 140 0.31 -17.19 -5.84
C SER A 140 -0.72 -16.10 -5.62
N LEU A 141 -1.90 -16.33 -6.17
CA LEU A 141 -3.02 -15.40 -6.07
C LEU A 141 -4.28 -16.20 -5.83
N VAL A 142 -5.01 -15.86 -4.78
CA VAL A 142 -6.28 -16.48 -4.46
C VAL A 142 -7.30 -15.36 -4.37
N LEU A 143 -8.33 -15.44 -5.18
CA LEU A 143 -9.42 -14.49 -5.15
C LEU A 143 -10.72 -15.24 -5.07
N ASN A 144 -11.67 -14.73 -4.29
CA ASN A 144 -13.02 -15.27 -4.32
C ASN A 144 -14.01 -14.14 -4.17
N GLY A 145 -15.24 -14.41 -4.58
CA GLY A 145 -16.32 -13.47 -4.29
C GLY A 145 -17.63 -13.67 -5.00
N THR B 5 -22.62 2.33 -12.66
CA THR B 5 -22.89 2.81 -11.29
C THR B 5 -21.64 3.54 -10.76
N THR B 6 -21.86 4.68 -10.10
CA THR B 6 -20.80 5.55 -9.63
C THR B 6 -21.11 5.98 -8.22
N ILE B 7 -20.10 6.07 -7.37
CA ILE B 7 -20.26 6.55 -6.01
C ILE B 7 -19.33 7.73 -5.82
N ASN B 8 -19.86 8.83 -5.34
CA ASN B 8 -19.10 10.05 -5.15
C ASN B 8 -19.40 10.58 -3.75
N LEU B 9 -18.51 10.27 -2.82
CA LEU B 9 -18.64 10.76 -1.44
C LEU B 9 -17.80 12.02 -1.32
N GLU B 10 -18.45 13.16 -1.43
CA GLU B 10 -17.81 14.46 -1.35
C GLU B 10 -17.79 14.96 0.09
N ASP B 11 -16.79 15.78 0.38
CA ASP B 11 -16.79 16.55 1.62
C ASP B 11 -16.79 15.67 2.86
N ILE B 12 -16.04 14.59 2.82
CA ILE B 12 -15.83 13.82 4.03
C ILE B 12 -14.93 14.62 4.97
N LYS B 13 -15.23 14.55 6.26
CA LYS B 13 -14.39 15.14 7.29
CA LYS B 13 -14.40 15.14 7.30
C LYS B 13 -13.83 14.00 8.13
N GLU B 14 -12.53 13.97 8.29
CA GLU B 14 -11.81 12.86 8.89
C GLU B 14 -11.20 13.39 10.18
N ILE B 15 -11.53 12.77 11.31
CA ILE B 15 -10.82 13.00 12.56
C ILE B 15 -9.85 11.83 12.73
N MET B 16 -8.57 12.07 12.55
CA MET B 16 -7.60 11.01 12.39
C MET B 16 -6.65 11.02 13.58
N HIS B 17 -6.41 9.85 14.14
CA HIS B 17 -5.50 9.67 15.24
C HIS B 17 -4.21 9.05 14.73
N THR B 18 -3.10 9.79 14.78
CA THR B 18 -1.85 9.44 14.17
C THR B 18 -0.83 9.06 15.24
N THR B 19 -0.24 7.89 15.08
CA THR B 19 0.93 7.51 15.85
C THR B 19 2.13 7.56 14.93
N ILE B 20 3.06 8.42 15.24
CA ILE B 20 4.21 8.65 14.38
C ILE B 20 5.41 7.96 15.00
N ARG B 21 6.19 7.30 14.15
CA ARG B 21 7.47 6.68 14.47
C ARG B 21 8.50 7.33 13.54
N LEU B 22 9.61 7.78 14.08
CA LEU B 22 10.58 8.51 13.25
C LEU B 22 11.49 7.57 12.45
N GLY B 23 11.68 6.34 12.89
CA GLY B 23 12.53 5.43 12.16
C GLY B 23 14.00 5.74 12.38
N GLY B 24 14.84 5.33 11.42
CA GLY B 24 16.26 5.60 11.49
C GLY B 24 17.07 4.34 11.19
N LYS B 25 18.29 4.33 11.62
CA LYS B 25 19.19 3.21 11.34
C LYS B 25 18.95 2.08 12.34
N PRO B 26 18.73 0.85 11.89
CA PRO B 26 18.62 -0.24 12.87
C PRO B 26 19.94 -0.39 13.61
N GLU B 27 19.86 -0.71 14.89
CA GLU B 27 21.11 -0.88 15.66
C GLU B 27 21.27 -2.25 16.33
N SER B 28 20.28 -3.15 16.20
CA SER B 28 20.42 -4.52 16.65
C SER B 28 19.57 -5.43 15.77
N GLY B 29 19.80 -6.73 15.89
CA GLY B 29 19.01 -7.71 15.17
C GLY B 29 19.42 -7.86 13.71
N GLU B 30 18.61 -8.66 13.00
CA GLU B 30 18.99 -9.00 11.64
C GLU B 30 19.06 -7.76 10.77
N ALA B 31 18.26 -6.75 11.07
CA ALA B 31 18.21 -5.57 10.22
C ALA B 31 19.51 -4.78 10.26
N ALA B 32 20.22 -4.81 11.39
CA ALA B 32 21.46 -4.08 11.53
C ALA B 32 22.59 -4.70 10.72
N GLU B 33 22.38 -5.91 10.25
CA GLU B 33 23.34 -6.56 9.38
C GLU B 33 23.10 -6.27 7.92
N LEU B 34 22.08 -5.51 7.58
CA LEU B 34 21.73 -5.31 6.19
C LEU B 34 21.78 -3.83 5.86
N PRO B 35 21.92 -3.50 4.61
CA PRO B 35 22.03 -2.05 4.25
C PRO B 35 20.66 -1.40 4.16
N ILE B 36 20.07 -1.07 5.30
CA ILE B 36 18.73 -0.52 5.29
C ILE B 36 18.56 0.57 6.33
N PHE B 37 17.56 1.42 6.05
CA PHE B 37 17.04 2.42 6.98
C PHE B 37 15.54 2.17 7.16
N LEU B 38 15.04 2.40 8.37
CA LEU B 38 13.62 2.34 8.65
C LEU B 38 13.03 3.73 8.39
N GLY B 39 12.11 3.82 7.45
CA GLY B 39 11.50 5.09 7.18
C GLY B 39 10.56 5.52 8.29
N SER B 40 10.37 6.82 8.40
CA SER B 40 9.35 7.34 9.29
C SER B 40 7.98 6.83 8.86
N SER B 41 7.17 6.49 9.85
CA SER B 41 5.87 5.91 9.57
C SER B 41 4.77 6.62 10.35
N VAL B 42 3.57 6.62 9.76
CA VAL B 42 2.37 7.11 10.43
C VAL B 42 1.35 5.99 10.43
N GLU B 43 1.07 5.41 11.59
CA GLU B 43 -0.06 4.47 11.72
C GLU B 43 -1.28 5.29 12.11
N PHE B 44 -2.39 5.11 11.41
CA PHE B 44 -3.57 5.90 11.77
C PHE B 44 -4.86 5.09 11.84
N GLU B 45 -5.76 5.59 12.68
CA GLU B 45 -7.18 5.25 12.67
C GLU B 45 -7.95 6.56 12.60
N ALA B 46 -9.08 6.56 11.88
CA ALA B 46 -9.87 7.78 11.75
C ALA B 46 -11.35 7.44 11.73
N GLU B 47 -12.16 8.37 12.22
CA GLU B 47 -13.60 8.33 12.06
C GLU B 47 -13.99 9.26 10.92
N LEU B 48 -14.88 8.78 10.07
CA LEU B 48 -15.28 9.49 8.86
C LEU B 48 -16.66 10.08 9.09
N TYR B 49 -16.81 11.37 8.79
CA TYR B 49 -18.06 12.09 8.97
C TYR B 49 -18.49 12.74 7.65
N ASP B 50 -19.81 12.78 7.44
CA ASP B 50 -20.34 13.56 6.34
C ASP B 50 -20.42 15.03 6.75
N ALA B 51 -20.90 15.86 5.83
CA ALA B 51 -20.96 17.30 6.05
C ALA B 51 -22.00 17.71 7.08
N ASP B 52 -22.77 16.77 7.63
CA ASP B 52 -23.73 17.03 8.69
C ASP B 52 -23.23 16.62 10.06
N GLY B 53 -22.07 15.97 10.12
CA GLY B 53 -21.54 15.47 11.37
C GLY B 53 -21.88 14.03 11.65
N THR B 54 -22.68 13.41 10.82
CA THR B 54 -23.00 12.00 11.03
C THR B 54 -21.82 11.14 10.64
N GLN B 55 -21.45 10.20 11.52
CA GLN B 55 -20.39 9.27 11.22
C GLN B 55 -20.84 8.32 10.11
N ILE B 56 -20.04 8.20 9.07
CA ILE B 56 -20.34 7.28 7.98
C ILE B 56 -19.37 6.12 7.92
N GLY B 57 -18.36 6.09 8.78
CA GLY B 57 -17.43 4.97 8.73
C GLY B 57 -16.13 5.29 9.47
N THR B 58 -15.12 4.46 9.19
CA THR B 58 -13.82 4.59 9.80
C THR B 58 -12.77 4.22 8.77
N ALA B 59 -11.55 4.71 8.98
CA ALA B 59 -10.42 4.43 8.10
C ALA B 59 -9.26 3.96 8.96
N LYS B 60 -8.39 3.13 8.37
CA LYS B 60 -7.24 2.61 9.10
C LYS B 60 -6.13 2.31 8.11
N GLY B 61 -4.91 2.70 8.47
CA GLY B 61 -3.80 2.37 7.59
C GLY B 61 -2.48 2.81 8.15
N THR B 62 -1.48 2.72 7.27
CA THR B 62 -0.12 3.11 7.58
C THR B 62 0.46 3.86 6.39
N SER B 63 1.20 4.92 6.67
CA SER B 63 1.97 5.63 5.67
C SER B 63 3.43 5.59 6.08
N VAL B 64 4.32 5.54 5.07
CA VAL B 64 5.76 5.48 5.29
C VAL B 64 6.47 6.40 4.31
N ILE B 65 7.54 7.07 4.80
CA ILE B 65 8.27 8.07 4.01
C ILE B 65 9.42 7.41 3.26
N PHE B 66 9.61 7.84 2.01
CA PHE B 66 10.74 7.37 1.20
C PHE B 66 11.05 8.42 0.14
N ALA B 67 11.97 8.09 -0.76
CA ALA B 67 12.32 9.04 -1.80
C ALA B 67 12.56 8.29 -3.11
N GLU B 68 12.21 8.96 -4.19
CA GLU B 68 12.40 8.49 -5.54
C GLU B 68 13.78 8.91 -6.05
N ALA B 69 14.15 8.39 -7.21
CA ALA B 69 15.50 8.58 -7.71
C ALA B 69 15.90 10.06 -7.76
N ASP B 70 15.00 10.93 -8.29
CA ASP B 70 15.39 12.33 -8.40
C ASP B 70 15.41 13.07 -7.06
N GLY B 71 15.13 12.39 -5.94
CA GLY B 71 15.17 13.00 -4.63
C GLY B 71 13.84 13.48 -4.10
N THR B 72 12.78 13.43 -4.90
CA THR B 72 11.45 13.78 -4.43
C THR B 72 11.05 12.90 -3.26
N VAL B 73 10.75 13.53 -2.13
CA VAL B 73 10.34 12.82 -0.94
C VAL B 73 8.88 12.46 -1.09
N MET B 74 8.57 11.19 -0.85
CA MET B 74 7.25 10.67 -1.05
C MET B 74 6.74 10.03 0.23
N GLN B 75 5.44 9.74 0.25
CA GLN B 75 4.86 8.83 1.22
C GLN B 75 4.14 7.73 0.47
N ILE B 76 4.20 6.52 1.00
CA ILE B 76 3.41 5.42 0.46
C ILE B 76 2.40 5.03 1.52
N VAL B 77 1.17 4.83 1.11
CA VAL B 77 0.13 4.44 2.06
C VAL B 77 -0.53 3.13 1.62
N SER B 78 -0.95 2.36 2.62
CA SER B 78 -1.84 1.22 2.46
C SER B 78 -2.91 1.32 3.53
N ALA B 79 -4.17 1.41 3.11
CA ALA B 79 -5.26 1.70 4.02
C ALA B 79 -6.57 1.16 3.49
N PHE B 80 -7.64 1.33 4.30
CA PHE B 80 -8.99 0.96 3.90
C PHE B 80 -10.00 1.71 4.75
N ASP B 81 -11.14 2.01 4.13
CA ASP B 81 -12.34 2.55 4.77
C ASP B 81 -13.33 1.42 4.95
N ASP B 82 -14.04 1.43 6.08
CA ASP B 82 -15.20 0.57 6.36
C ASP B 82 -16.38 1.51 6.57
N TYR B 83 -17.31 1.55 5.62
CA TYR B 83 -18.45 2.45 5.68
C TYR B 83 -19.58 1.79 6.45
N THR B 84 -20.33 2.62 7.16
CA THR B 84 -21.35 2.13 8.06
C THR B 84 -22.44 1.40 7.32
N ASP B 85 -22.69 1.76 6.10
CA ASP B 85 -23.70 0.98 5.35
C ASP B 85 -23.18 -0.44 4.95
N GLY B 86 -22.04 -0.92 5.47
CA GLY B 86 -21.65 -2.31 5.32
C GLY B 86 -20.48 -2.62 4.40
N GLY B 87 -19.93 -1.64 3.67
CA GLY B 87 -18.94 -1.93 2.64
C GLY B 87 -17.55 -1.40 2.95
N ARG B 88 -16.55 -2.05 2.38
CA ARG B 88 -15.16 -1.70 2.58
C ARG B 88 -14.60 -1.19 1.26
N VAL B 89 -13.68 -0.24 1.34
CA VAL B 89 -12.99 0.31 0.18
C VAL B 89 -11.50 0.37 0.53
N THR B 90 -10.67 -0.36 -0.20
CA THR B 90 -9.24 -0.33 0.07
C THR B 90 -8.63 0.85 -0.71
N TRP B 91 -7.50 1.35 -0.21
CA TRP B 91 -6.81 2.38 -0.97
C TRP B 91 -5.34 2.41 -0.65
N SER B 92 -4.52 2.62 -1.68
CA SER B 92 -3.07 2.58 -1.51
CA SER B 92 -3.07 2.53 -1.54
C SER B 92 -2.37 3.18 -2.71
N GLY B 93 -1.15 3.65 -2.47
CA GLY B 93 -0.35 4.25 -3.52
C GLY B 93 0.71 5.13 -2.89
N ALA B 94 1.47 5.78 -3.74
CA ALA B 94 2.44 6.74 -3.27
C ALA B 94 2.04 8.14 -3.72
N TYR B 95 2.35 9.13 -2.88
CA TYR B 95 2.08 10.54 -3.21
C TYR B 95 3.23 11.42 -2.73
N THR B 96 3.38 12.61 -3.32
CA THR B 96 4.44 13.51 -2.89
C THR B 96 4.19 14.01 -1.47
N MET B 97 5.26 14.07 -0.67
CA MET B 97 5.11 14.63 0.67
C MET B 97 4.92 16.14 0.62
N PHE B 98 5.65 16.82 -0.21
CA PHE B 98 5.63 18.27 -0.14
C PHE B 98 4.96 18.85 -1.37
N PRO B 99 4.09 19.85 -1.19
CA PRO B 99 3.76 20.50 0.10
C PRO B 99 2.81 19.68 0.98
N THR B 100 2.90 19.87 2.28
CA THR B 100 2.15 18.99 3.18
C THR B 100 0.68 19.39 3.32
N ASP B 101 0.29 20.55 2.78
CA ASP B 101 -1.04 21.09 3.01
C ASP B 101 -1.95 21.04 1.78
N GLU B 102 -1.47 20.49 0.66
CA GLU B 102 -2.25 20.33 -0.57
C GLU B 102 -2.96 19.00 -0.55
N PRO B 103 -4.05 18.87 -1.32
CA PRO B 103 -4.72 17.58 -1.44
C PRO B 103 -3.84 16.54 -2.12
N LYS B 104 -3.90 15.32 -1.60
CA LYS B 104 -3.18 14.18 -2.13
C LYS B 104 -4.24 13.14 -2.49
N SER B 105 -3.88 12.21 -3.38
CA SER B 105 -4.80 11.13 -3.71
C SER B 105 -4.05 9.89 -4.17
N VAL B 106 -4.66 8.73 -3.96
CA VAL B 106 -4.15 7.47 -4.47
C VAL B 106 -5.32 6.64 -5.00
N PRO B 107 -5.08 5.54 -5.71
CA PRO B 107 -6.19 4.71 -6.20
C PRO B 107 -6.91 3.97 -5.10
N ALA B 108 -8.22 3.74 -5.32
CA ALA B 108 -9.08 3.09 -4.34
C ALA B 108 -9.86 1.98 -5.04
N GLN B 109 -10.20 0.91 -4.30
CA GLN B 109 -10.87 -0.25 -4.84
C GLN B 109 -12.01 -0.63 -3.90
N GLY B 110 -13.24 -0.58 -4.39
CA GLY B 110 -14.34 -1.11 -3.60
C GLY B 110 -14.34 -2.63 -3.58
N VAL B 111 -14.48 -3.22 -2.39
CA VAL B 111 -14.38 -4.67 -2.25
C VAL B 111 -15.60 -5.35 -1.62
N SER B 112 -16.56 -4.62 -1.07
CA SER B 112 -17.73 -5.29 -0.50
C SER B 112 -18.87 -4.30 -0.42
N GLY B 113 -20.06 -4.83 -0.11
CA GLY B 113 -21.24 -3.98 -0.09
C GLY B 113 -21.48 -3.37 -1.47
N ARG B 114 -22.11 -2.20 -1.46
CA ARG B 114 -22.42 -1.52 -2.70
C ARG B 114 -21.18 -1.02 -3.42
N TYR B 115 -20.02 -1.05 -2.79
CA TYR B 115 -18.79 -0.60 -3.43
C TYR B 115 -18.12 -1.70 -4.25
N ARG B 116 -18.52 -2.97 -4.03
CA ARG B 116 -17.82 -4.12 -4.59
CA ARG B 116 -17.82 -4.10 -4.60
C ARG B 116 -17.73 -3.97 -6.10
N GLY B 117 -16.52 -4.11 -6.64
CA GLY B 117 -16.37 -4.07 -8.08
C GLY B 117 -16.21 -2.70 -8.67
N LEU B 118 -16.26 -1.64 -7.88
CA LEU B 118 -16.01 -0.30 -8.37
C LEU B 118 -14.60 0.12 -7.96
N SER B 119 -13.99 1.01 -8.73
CA SER B 119 -12.64 1.46 -8.48
C SER B 119 -12.55 2.92 -8.87
N GLY B 120 -11.53 3.61 -8.34
CA GLY B 120 -11.41 5.05 -8.49
C GLY B 120 -10.30 5.64 -7.63
N THR B 121 -10.64 6.65 -6.83
CA THR B 121 -9.65 7.52 -6.20
C THR B 121 -10.09 7.95 -4.80
N ARG B 122 -9.17 7.85 -3.84
CA ARG B 122 -9.35 8.39 -2.50
C ARG B 122 -8.47 9.63 -2.34
N THR B 123 -9.07 10.73 -1.90
CA THR B 123 -8.41 12.01 -1.72
C THR B 123 -8.43 12.45 -0.26
N PHE B 124 -7.35 13.10 0.16
CA PHE B 124 -7.21 13.53 1.55
C PHE B 124 -6.33 14.78 1.57
N GLN B 125 -6.68 15.71 2.44
CA GLN B 125 -5.96 16.96 2.60
C GLN B 125 -5.97 17.35 4.06
N LEU B 126 -4.78 17.68 4.58
CA LEU B 126 -4.64 18.09 5.97
C LEU B 126 -5.20 19.49 6.16
N LEU B 127 -6.03 19.65 7.19
CA LEU B 127 -6.54 20.97 7.59
C LEU B 127 -5.87 21.49 8.84
N GLU B 128 -5.75 20.67 9.88
CA GLU B 128 -5.11 21.12 11.11
C GLU B 128 -4.53 19.92 11.87
N ARG B 129 -3.52 20.21 12.66
CA ARG B 129 -2.82 19.21 13.47
C ARG B 129 -2.70 19.82 14.86
N PRO B 130 -3.74 19.72 15.67
CA PRO B 130 -3.68 20.33 17.01
C PRO B 130 -2.63 19.69 17.88
N ASP B 131 -2.39 18.39 17.74
CA ASP B 131 -1.36 17.74 18.51
C ASP B 131 -0.77 16.63 17.67
N PRO B 132 0.38 16.10 18.05
CA PRO B 132 1.06 15.12 17.18
C PRO B 132 0.27 13.83 17.04
N GLY B 133 -0.75 13.59 17.84
CA GLY B 133 -1.60 12.44 17.70
C GLY B 133 -2.91 12.70 16.97
N THR B 134 -3.09 13.87 16.39
CA THR B 134 -4.38 14.24 15.88
C THR B 134 -4.25 15.07 14.62
N SER B 135 -4.96 14.65 13.57
CA SER B 135 -5.05 15.35 12.30
C SER B 135 -6.52 15.49 11.90
N LEU B 136 -6.95 16.70 11.60
CA LEU B 136 -8.24 16.94 10.98
C LEU B 136 -8.02 16.99 9.48
N VAL B 137 -8.69 16.10 8.76
CA VAL B 137 -8.50 15.91 7.33
C VAL B 137 -9.82 16.12 6.60
N ARG B 138 -9.72 16.64 5.38
CA ARG B 138 -10.86 16.79 4.48
C ARG B 138 -10.64 15.85 3.29
N SER B 139 -11.68 15.08 2.95
CA SER B 139 -11.49 13.90 2.14
C SER B 139 -12.64 13.74 1.17
N SER B 140 -12.42 12.84 0.21
CA SER B 140 -13.36 12.57 -0.88
C SER B 140 -13.06 11.17 -1.41
N LEU B 141 -14.11 10.52 -1.88
CA LEU B 141 -13.93 9.22 -2.51
C LEU B 141 -14.80 9.17 -3.75
N VAL B 142 -14.25 8.68 -4.84
CA VAL B 142 -15.06 8.44 -6.03
C VAL B 142 -14.70 7.10 -6.65
N LEU B 143 -15.71 6.39 -7.11
CA LEU B 143 -15.57 5.07 -7.66
C LEU B 143 -16.59 4.91 -8.80
N ASN B 144 -16.28 4.00 -9.71
CA ASN B 144 -17.03 3.83 -10.94
C ASN B 144 -16.64 2.51 -11.58
N GLY B 145 -17.51 2.04 -12.49
CA GLY B 145 -17.18 0.89 -13.31
C GLY B 145 -18.30 -0.12 -13.52
#